data_2GH1
#
_entry.id   2GH1
#
_cell.length_a   90.889
_cell.length_b   90.889
_cell.length_c   122.319
_cell.angle_alpha   90.00
_cell.angle_beta   90.00
_cell.angle_gamma   120.00
#
_symmetry.space_group_name_H-M   'P 32'
#
loop_
_entity.id
_entity.type
_entity.pdbx_description
1 polymer Methyltransferase
2 non-polymer 'ACETATE ION'
3 non-polymer GLYCEROL
4 water water
#
_entity_poly.entity_id   1
_entity_poly.type   'polypeptide(L)'
_entity_poly.pdbx_seq_one_letter_code
;(MSE)LETYDWNNKLTYLKNTRDLYYNDDYVSFLVNTVWKITKPVHIVDYGCGYGYLGLVL(MSE)PLLPEGSKYTGIDS
GETLLAEARELFRLLPYDSEFLEGDATEIELNDKYDIAICHAFLLH(MSE)TTPET(MSE)LQK(MSE)IHSVKKGGKII
CFEPHWISN(MSE)ASYLLDGEKQSEFIQLGVLQKLFESDTQRNGKDGNIG(MSE)KIPIYLSELGVKNIECRVSDKVNF
LDSN(MSE)HHNDKNDLYQSLKEEGIAGDPGDKQQFVERLIARGLTYDNALAQYEAELRFFKALHLHSSLVYAPN(MSE)
KITFGEIECLEHHHHHH
;
_entity_poly.pdbx_strand_id   A,B
#
# COMPACT_ATOMS: atom_id res chain seq x y z
N TYR A 13 0.62 -23.19 -0.17
CA TYR A 13 1.65 -22.42 -0.94
C TYR A 13 1.08 -21.49 -2.02
N LEU A 14 0.02 -21.93 -2.69
CA LEU A 14 -0.60 -21.14 -3.76
C LEU A 14 -1.93 -20.50 -3.31
N LYS A 15 -2.84 -21.30 -2.78
CA LYS A 15 -4.13 -20.79 -2.30
C LYS A 15 -3.98 -20.27 -0.87
N ASN A 16 -2.75 -19.89 -0.52
CA ASN A 16 -2.43 -19.37 0.81
C ASN A 16 -1.54 -18.14 0.70
N THR A 17 -0.24 -18.37 0.62
CA THR A 17 0.74 -17.28 0.51
C THR A 17 0.40 -16.33 -0.62
N ARG A 18 0.42 -16.84 -1.85
CA ARG A 18 0.11 -16.04 -3.02
C ARG A 18 -1.17 -15.25 -2.83
N ASP A 19 -2.25 -15.96 -2.52
CA ASP A 19 -3.56 -15.36 -2.31
C ASP A 19 -3.62 -14.34 -1.17
N LEU A 20 -2.60 -14.32 -0.34
CA LEU A 20 -2.58 -13.40 0.79
C LEU A 20 -1.84 -12.11 0.45
N TYR A 21 -0.97 -12.16 -0.56
CA TYR A 21 -0.20 -10.98 -0.94
C TYR A 21 -0.57 -10.28 -2.24
N TYR A 22 -1.19 -11.01 -3.17
CA TYR A 22 -1.54 -10.40 -4.44
C TYR A 22 -2.92 -10.83 -4.94
N ASN A 23 -3.58 -9.93 -5.66
CA ASN A 23 -4.87 -10.23 -6.28
C ASN A 23 -4.41 -10.69 -7.66
N ASP A 24 -4.87 -11.87 -8.10
CA ASP A 24 -4.44 -12.36 -9.40
C ASP A 24 -4.81 -11.38 -10.53
N ASP A 25 -5.94 -10.70 -10.40
CA ASP A 25 -6.34 -9.75 -11.43
C ASP A 25 -5.36 -8.57 -11.47
N TYR A 26 -4.79 -8.21 -10.32
CA TYR A 26 -3.83 -7.11 -10.28
C TYR A 26 -2.51 -7.52 -10.92
N VAL A 27 -2.08 -8.75 -10.67
CA VAL A 27 -0.84 -9.24 -11.27
C VAL A 27 -1.01 -9.29 -12.80
N SER A 28 -2.21 -9.67 -13.25
CA SER A 28 -2.50 -9.75 -14.67
C SER A 28 -2.45 -8.35 -15.27
N PHE A 29 -2.91 -7.37 -14.49
CA PHE A 29 -2.90 -5.97 -14.90
C PHE A 29 -1.44 -5.54 -15.09
N LEU A 30 -0.57 -5.98 -14.18
CA LEU A 30 0.84 -5.63 -14.29
C LEU A 30 1.46 -6.26 -15.54
N VAL A 31 1.13 -7.52 -15.80
CA VAL A 31 1.70 -8.21 -16.95
C VAL A 31 1.21 -7.71 -18.31
N ASN A 32 -0.10 -7.51 -18.44
CA ASN A 32 -0.67 -7.06 -19.71
C ASN A 32 -0.77 -5.56 -19.93
N THR A 33 -1.02 -4.80 -18.88
CA THR A 33 -1.19 -3.37 -19.02
C THR A 33 0.02 -2.48 -18.67
N VAL A 34 0.64 -2.71 -17.53
CA VAL A 34 1.78 -1.90 -17.14
C VAL A 34 3.03 -2.34 -17.88
N TRP A 35 3.42 -3.60 -17.71
CA TRP A 35 4.60 -4.12 -18.39
C TRP A 35 4.32 -4.41 -19.85
N LYS A 36 3.05 -4.60 -20.20
CA LYS A 36 2.66 -4.89 -21.59
C LYS A 36 3.46 -6.02 -22.25
N ILE A 37 3.59 -7.14 -21.56
CA ILE A 37 4.30 -8.29 -22.10
C ILE A 37 3.39 -9.06 -23.06
N THR A 38 3.70 -9.00 -24.35
CA THR A 38 2.89 -9.69 -25.36
C THR A 38 3.59 -10.89 -25.98
N LYS A 39 4.89 -10.75 -26.25
CA LYS A 39 5.67 -11.82 -26.84
C LYS A 39 6.18 -12.70 -25.71
N PRO A 40 6.29 -14.03 -25.93
CA PRO A 40 6.78 -14.94 -24.90
C PRO A 40 8.18 -14.52 -24.45
N VAL A 41 8.46 -14.66 -23.16
CA VAL A 41 9.74 -14.23 -22.61
C VAL A 41 10.47 -15.33 -21.82
N HIS A 42 11.79 -15.17 -21.70
CA HIS A 42 12.62 -16.11 -20.95
C HIS A 42 13.00 -15.37 -19.67
N ILE A 43 12.49 -15.82 -18.53
CA ILE A 43 12.76 -15.14 -17.27
C ILE A 43 13.57 -16.00 -16.30
N VAL A 44 14.44 -15.36 -15.54
CA VAL A 44 15.26 -16.05 -14.56
C VAL A 44 14.86 -15.52 -13.18
N ASP A 45 14.60 -16.43 -12.25
CA ASP A 45 14.18 -16.08 -10.88
C ASP A 45 15.26 -16.45 -9.85
N TYR A 46 15.89 -15.44 -9.23
CA TYR A 46 16.94 -15.67 -8.23
C TYR A 46 16.34 -15.95 -6.86
N GLY A 47 16.81 -17.03 -6.23
CA GLY A 47 16.28 -17.42 -4.92
C GLY A 47 14.82 -17.80 -5.09
N CYS A 48 14.53 -18.54 -6.16
CA CYS A 48 13.17 -18.95 -6.49
C CYS A 48 12.46 -19.80 -5.45
N GLY A 49 13.21 -20.31 -4.47
CA GLY A 49 12.59 -21.17 -3.48
C GLY A 49 11.97 -22.35 -4.20
N TYR A 50 10.68 -22.59 -3.97
CA TYR A 50 10.02 -23.71 -4.62
C TYR A 50 9.35 -23.32 -5.94
N GLY A 51 9.64 -22.11 -6.42
CA GLY A 51 9.07 -21.64 -7.68
C GLY A 51 7.82 -20.78 -7.54
N TYR A 52 7.64 -20.21 -6.35
CA TYR A 52 6.50 -19.36 -6.04
C TYR A 52 6.21 -18.32 -7.12
N LEU A 53 7.22 -17.52 -7.46
CA LEU A 53 7.02 -16.47 -8.45
C LEU A 53 6.70 -17.06 -9.82
N GLY A 54 7.13 -18.29 -10.05
CA GLY A 54 6.82 -18.95 -11.31
C GLY A 54 5.35 -19.36 -11.31
N LEU A 55 4.86 -19.86 -10.18
CA LEU A 55 3.46 -20.25 -10.08
C LEU A 55 2.52 -19.05 -10.18
N VAL A 56 3.07 -17.86 -10.01
CA VAL A 56 2.30 -16.62 -10.07
C VAL A 56 2.30 -15.98 -11.45
N LEU A 57 3.49 -15.80 -12.03
CA LEU A 57 3.59 -15.15 -13.34
C LEU A 57 3.40 -16.03 -14.58
N PRO A 59 1.41 -18.46 -15.39
CA PRO A 59 0.05 -18.63 -15.90
C PRO A 59 -0.42 -17.39 -16.67
N LEU A 60 0.11 -16.22 -16.32
CA LEU A 60 -0.27 -14.97 -16.97
C LEU A 60 0.59 -14.54 -18.15
N LEU A 61 1.81 -15.08 -18.25
CA LEU A 61 2.70 -14.71 -19.33
C LEU A 61 2.32 -15.39 -20.65
N PRO A 62 2.72 -14.79 -21.77
CA PRO A 62 2.42 -15.33 -23.09
C PRO A 62 2.79 -16.80 -23.22
N GLU A 63 1.97 -17.55 -23.96
CA GLU A 63 2.23 -18.97 -24.17
C GLU A 63 3.57 -19.12 -24.88
N GLY A 64 4.40 -20.04 -24.40
CA GLY A 64 5.70 -20.26 -25.00
C GLY A 64 6.83 -19.64 -24.20
N SER A 65 6.50 -19.09 -23.03
CA SER A 65 7.51 -18.47 -22.18
C SER A 65 8.28 -19.54 -21.41
N LYS A 66 9.48 -19.19 -20.99
CA LYS A 66 10.34 -20.11 -20.25
C LYS A 66 10.68 -19.56 -18.87
N TYR A 67 10.57 -20.41 -17.86
CA TYR A 67 10.88 -20.02 -16.50
C TYR A 67 12.11 -20.77 -16.01
N THR A 68 13.05 -20.05 -15.40
CA THR A 68 14.26 -20.65 -14.86
C THR A 68 14.51 -20.18 -13.43
N GLY A 69 14.46 -21.10 -12.48
CA GLY A 69 14.66 -20.75 -11.09
C GLY A 69 16.05 -21.11 -10.58
N ILE A 70 16.57 -20.30 -9.67
CA ILE A 70 17.88 -20.54 -9.11
C ILE A 70 17.81 -20.62 -7.59
N ASP A 71 18.39 -21.67 -7.03
CA ASP A 71 18.41 -21.83 -5.59
C ASP A 71 19.39 -22.92 -5.17
N SER A 72 19.75 -22.93 -3.89
CA SER A 72 20.71 -23.91 -3.37
C SER A 72 20.05 -25.08 -2.66
N GLY A 73 18.82 -24.87 -2.21
CA GLY A 73 18.11 -25.93 -1.52
C GLY A 73 17.93 -27.18 -2.37
N GLU A 74 18.74 -28.21 -2.12
CA GLU A 74 18.65 -29.45 -2.88
C GLU A 74 17.25 -30.04 -2.80
N THR A 75 16.78 -30.28 -1.58
CA THR A 75 15.45 -30.83 -1.37
C THR A 75 14.43 -29.80 -1.87
N LEU A 76 14.81 -28.53 -1.80
CA LEU A 76 13.95 -27.44 -2.23
C LEU A 76 13.65 -27.57 -3.73
N LEU A 77 14.69 -27.79 -4.51
CA LEU A 77 14.54 -27.92 -5.96
C LEU A 77 13.74 -29.16 -6.30
N ALA A 78 13.90 -30.20 -5.50
CA ALA A 78 13.19 -31.46 -5.72
C ALA A 78 11.68 -31.21 -5.67
N GLU A 79 11.23 -30.42 -4.71
CA GLU A 79 9.81 -30.13 -4.60
C GLU A 79 9.38 -29.23 -5.74
N ALA A 80 10.22 -28.26 -6.07
CA ALA A 80 9.92 -27.33 -7.15
C ALA A 80 9.71 -28.08 -8.46
N ARG A 81 10.66 -28.96 -8.77
CA ARG A 81 10.60 -29.74 -10.01
C ARG A 81 9.36 -30.61 -10.03
N GLU A 82 9.07 -31.25 -8.90
CA GLU A 82 7.90 -32.12 -8.83
C GLU A 82 6.62 -31.29 -8.91
N LEU A 83 6.71 -30.06 -8.44
CA LEU A 83 5.57 -29.17 -8.44
C LEU A 83 5.28 -28.65 -9.85
N PHE A 84 6.32 -28.44 -10.64
CA PHE A 84 6.15 -27.94 -12.00
C PHE A 84 6.06 -29.05 -13.05
N ARG A 85 6.39 -30.28 -12.65
CA ARG A 85 6.35 -31.41 -13.57
C ARG A 85 4.94 -31.60 -14.13
N LEU A 86 3.95 -31.36 -13.27
CA LEU A 86 2.54 -31.49 -13.63
C LEU A 86 2.00 -30.31 -14.44
N LEU A 87 2.55 -29.12 -14.20
CA LEU A 87 2.12 -27.92 -14.90
C LEU A 87 2.55 -27.87 -16.37
N PRO A 88 1.76 -27.18 -17.20
CA PRO A 88 2.02 -27.04 -18.64
C PRO A 88 2.95 -25.87 -18.96
N TYR A 89 3.85 -25.56 -18.04
CA TYR A 89 4.78 -24.45 -18.23
C TYR A 89 6.23 -24.93 -18.33
N ASP A 90 6.96 -24.45 -19.33
CA ASP A 90 8.36 -24.82 -19.50
C ASP A 90 9.15 -24.23 -18.33
N SER A 91 9.62 -25.08 -17.44
CA SER A 91 10.37 -24.61 -16.29
C SER A 91 11.61 -25.46 -16.00
N GLU A 92 12.64 -24.81 -15.50
CA GLU A 92 13.88 -25.52 -15.14
C GLU A 92 14.42 -24.86 -13.88
N PHE A 93 15.10 -25.65 -13.06
CA PHE A 93 15.70 -25.14 -11.83
C PHE A 93 17.18 -25.47 -11.77
N LEU A 94 17.98 -24.45 -11.48
CA LEU A 94 19.43 -24.61 -11.40
C LEU A 94 19.84 -24.62 -9.94
N GLU A 95 20.69 -25.56 -9.56
CA GLU A 95 21.15 -25.61 -8.18
C GLU A 95 22.44 -24.82 -8.09
N GLY A 96 22.53 -23.93 -7.10
CA GLY A 96 23.73 -23.13 -6.93
C GLY A 96 23.50 -21.90 -6.09
N ASP A 97 24.58 -21.25 -5.68
CA ASP A 97 24.49 -20.03 -4.88
C ASP A 97 24.20 -18.89 -5.84
N ALA A 98 23.04 -18.28 -5.68
CA ALA A 98 22.62 -17.18 -6.54
C ALA A 98 23.57 -16.00 -6.48
N THR A 99 24.37 -15.94 -5.42
CA THR A 99 25.30 -14.84 -5.25
C THR A 99 26.60 -15.05 -6.02
N GLU A 100 26.78 -16.26 -6.56
CA GLU A 100 27.99 -16.55 -7.32
C GLU A 100 27.78 -17.37 -8.58
N ILE A 101 26.54 -17.79 -8.81
CA ILE A 101 26.20 -18.56 -10.00
C ILE A 101 26.61 -17.76 -11.25
N GLU A 102 27.11 -18.44 -12.27
CA GLU A 102 27.51 -17.78 -13.51
C GLU A 102 26.63 -18.28 -14.65
N LEU A 103 25.76 -17.42 -15.15
CA LEU A 103 24.85 -17.81 -16.23
C LEU A 103 25.50 -17.60 -17.60
N ASN A 104 25.23 -18.54 -18.51
CA ASN A 104 25.79 -18.44 -19.85
C ASN A 104 24.79 -17.82 -20.82
N ASP A 105 23.64 -17.40 -20.29
CA ASP A 105 22.60 -16.80 -21.10
C ASP A 105 22.13 -15.43 -20.62
N LYS A 106 21.45 -14.70 -21.50
CA LYS A 106 20.88 -13.40 -21.17
C LYS A 106 19.38 -13.60 -21.23
N TYR A 107 18.65 -13.06 -20.26
CA TYR A 107 17.21 -13.23 -20.23
C TYR A 107 16.43 -11.94 -20.53
N ASP A 108 15.16 -12.12 -20.89
CA ASP A 108 14.28 -11.00 -21.19
C ASP A 108 13.90 -10.29 -19.90
N ILE A 109 13.78 -11.07 -18.82
CA ILE A 109 13.41 -10.52 -17.53
C ILE A 109 14.11 -11.25 -16.41
N ALA A 110 14.60 -10.52 -15.43
CA ALA A 110 15.24 -11.12 -14.26
C ALA A 110 14.33 -10.69 -13.10
N ILE A 111 13.87 -11.64 -12.29
CA ILE A 111 13.02 -11.31 -11.15
C ILE A 111 13.45 -12.02 -9.88
N CYS A 112 12.88 -11.60 -8.76
CA CYS A 112 13.17 -12.21 -7.48
C CYS A 112 12.04 -11.81 -6.52
N HIS A 113 11.73 -12.67 -5.56
CA HIS A 113 10.66 -12.38 -4.62
C HIS A 113 11.19 -12.61 -3.21
N ALA A 114 11.16 -11.56 -2.39
CA ALA A 114 11.65 -11.64 -1.02
C ALA A 114 13.02 -12.31 -0.99
N PHE A 115 13.92 -11.79 -1.81
CA PHE A 115 15.27 -12.34 -1.89
C PHE A 115 16.32 -11.32 -1.50
N LEU A 116 16.16 -10.10 -2.01
CA LEU A 116 17.12 -9.05 -1.71
C LEU A 116 17.17 -8.62 -0.25
N LEU A 117 16.13 -8.90 0.52
CA LEU A 117 16.12 -8.49 1.93
C LEU A 117 17.08 -9.31 2.78
N HIS A 118 17.51 -10.46 2.25
CA HIS A 118 18.42 -11.34 2.96
C HIS A 118 19.88 -11.17 2.53
N THR A 120 23.48 -9.16 2.32
CA THR A 120 24.22 -8.26 3.17
C THR A 120 24.68 -7.07 2.32
N THR A 121 24.66 -7.25 1.00
CA THR A 121 25.04 -6.20 0.07
C THR A 121 24.10 -6.24 -1.15
N PRO A 122 22.85 -5.79 -0.97
CA PRO A 122 21.82 -5.75 -2.00
C PRO A 122 22.26 -5.19 -3.35
N GLU A 123 22.99 -4.08 -3.33
CA GLU A 123 23.44 -3.44 -4.56
C GLU A 123 24.23 -4.38 -5.45
N THR A 124 25.12 -5.16 -4.86
CA THR A 124 25.95 -6.08 -5.62
C THR A 124 25.12 -7.17 -6.28
N LEU A 126 22.05 -7.03 -7.03
CA LEU A 126 21.23 -6.42 -8.07
C LEU A 126 22.08 -6.27 -9.33
N GLN A 127 23.31 -5.81 -9.15
CA GLN A 127 24.23 -5.62 -10.25
C GLN A 127 24.34 -6.94 -11.01
N LYS A 128 24.42 -8.05 -10.28
CA LYS A 128 24.52 -9.36 -10.89
C LYS A 128 23.27 -9.68 -11.72
N ILE A 130 21.12 -7.71 -13.02
CA ILE A 130 21.11 -6.82 -14.17
C ILE A 130 21.98 -7.39 -15.29
N HIS A 131 23.19 -7.83 -14.94
CA HIS A 131 24.11 -8.37 -15.94
C HIS A 131 23.60 -9.61 -16.65
N SER A 132 22.60 -10.28 -16.07
CA SER A 132 22.06 -11.47 -16.71
C SER A 132 20.89 -11.10 -17.61
N VAL A 133 20.55 -9.81 -17.63
CA VAL A 133 19.44 -9.33 -18.46
C VAL A 133 19.93 -8.79 -19.80
N LYS A 134 19.22 -9.10 -20.88
CA LYS A 134 19.63 -8.63 -22.19
C LYS A 134 19.19 -7.18 -22.42
N LYS A 135 19.89 -6.47 -23.30
CA LYS A 135 19.55 -5.07 -23.60
C LYS A 135 18.09 -4.95 -23.99
N GLY A 136 17.38 -4.02 -23.36
CA GLY A 136 15.98 -3.84 -23.65
C GLY A 136 15.13 -4.69 -22.72
N GLY A 137 15.79 -5.52 -21.92
CA GLY A 137 15.09 -6.37 -20.98
C GLY A 137 14.65 -5.64 -19.74
N LYS A 138 13.94 -6.34 -18.87
CA LYS A 138 13.44 -5.75 -17.64
C LYS A 138 13.92 -6.47 -16.38
N ILE A 139 13.87 -5.78 -15.26
CA ILE A 139 14.22 -6.38 -14.00
C ILE A 139 13.03 -6.08 -13.09
N ILE A 140 12.50 -7.13 -12.46
CA ILE A 140 11.35 -6.98 -11.56
C ILE A 140 11.72 -7.54 -10.20
N CYS A 141 11.51 -6.75 -9.16
CA CYS A 141 11.83 -7.18 -7.81
C CYS A 141 10.59 -7.09 -6.92
N PHE A 142 10.23 -8.20 -6.30
CA PHE A 142 9.09 -8.27 -5.37
C PHE A 142 9.70 -8.36 -3.99
N GLU A 143 9.85 -7.21 -3.34
CA GLU A 143 10.43 -7.20 -2.00
C GLU A 143 9.51 -6.53 -0.99
N PRO A 144 9.55 -6.98 0.26
CA PRO A 144 8.70 -6.41 1.31
C PRO A 144 9.23 -5.14 1.95
N HIS A 145 8.35 -4.47 2.70
CA HIS A 145 8.67 -3.25 3.43
C HIS A 145 7.98 -3.44 4.78
N TRP A 146 8.67 -4.18 5.64
CA TRP A 146 8.14 -4.53 6.94
C TRP A 146 7.47 -3.40 7.73
N ILE A 147 8.10 -2.23 7.78
CA ILE A 147 7.50 -1.16 8.55
C ILE A 147 6.11 -0.75 8.05
N SER A 148 5.95 -0.55 6.74
CA SER A 148 4.63 -0.19 6.22
C SER A 148 3.67 -1.37 6.37
N ASN A 149 4.22 -2.59 6.34
CA ASN A 149 3.41 -3.80 6.50
C ASN A 149 2.77 -3.82 7.89
N ALA A 151 2.32 -1.36 9.96
CA ALA A 151 1.42 -0.23 10.14
C ALA A 151 0.09 -0.47 9.42
N SER A 152 0.02 -1.52 8.60
CA SER A 152 -1.20 -1.80 7.86
C SER A 152 -2.07 -2.88 8.48
N TYR A 153 -2.30 -2.77 9.77
CA TYR A 153 -3.12 -3.72 10.51
C TYR A 153 -4.24 -2.97 11.20
N LEU A 154 -5.41 -3.59 11.20
CA LEU A 154 -6.57 -3.01 11.84
C LEU A 154 -7.39 -4.15 12.42
N LEU A 155 -7.53 -4.16 13.74
CA LEU A 155 -8.27 -5.20 14.44
C LEU A 155 -9.44 -4.54 15.17
N ASP A 156 -10.65 -4.79 14.69
CA ASP A 156 -11.84 -4.21 15.31
C ASP A 156 -11.89 -4.59 16.79
N GLY A 157 -12.05 -3.58 17.65
CA GLY A 157 -12.13 -3.82 19.08
C GLY A 157 -10.85 -3.54 19.84
N GLU A 158 -9.76 -3.35 19.11
CA GLU A 158 -8.48 -3.09 19.75
C GLU A 158 -7.78 -1.94 19.07
N LYS A 159 -7.06 -1.15 19.85
CA LYS A 159 -6.32 -0.03 19.28
C LYS A 159 -5.03 -0.61 18.75
N GLN A 160 -4.63 -0.18 17.55
CA GLN A 160 -3.41 -0.70 16.93
C GLN A 160 -2.20 -0.66 17.87
N SER A 161 -2.03 0.45 18.58
CA SER A 161 -0.91 0.61 19.51
C SER A 161 -0.92 -0.44 20.62
N GLU A 162 -2.07 -1.07 20.84
CA GLU A 162 -2.18 -2.10 21.86
C GLU A 162 -1.47 -3.37 21.47
N PHE A 163 -1.54 -3.74 20.20
CA PHE A 163 -0.91 -4.97 19.77
C PHE A 163 0.21 -4.80 18.78
N ILE A 164 0.52 -3.55 18.45
CA ILE A 164 1.61 -3.24 17.53
C ILE A 164 2.30 -1.94 17.95
N GLN A 165 3.55 -2.04 18.39
CA GLN A 165 4.33 -0.89 18.81
C GLN A 165 5.17 -0.44 17.63
N LEU A 166 4.59 0.39 16.76
CA LEU A 166 5.32 0.86 15.58
C LEU A 166 6.65 1.50 15.90
N GLY A 167 6.69 2.27 16.98
CA GLY A 167 7.93 2.92 17.39
C GLY A 167 9.04 1.92 17.68
N VAL A 168 8.75 0.92 18.49
CA VAL A 168 9.75 -0.09 18.83
C VAL A 168 10.16 -0.85 17.57
N LEU A 169 9.18 -1.30 16.79
CA LEU A 169 9.45 -2.03 15.55
C LEU A 169 10.28 -1.19 14.58
N GLN A 170 9.99 0.10 14.52
CA GLN A 170 10.73 0.99 13.64
C GLN A 170 12.21 1.03 14.04
N LYS A 171 12.49 1.10 15.36
CA LYS A 171 13.87 1.12 15.85
C LYS A 171 14.51 -0.24 15.67
N LEU A 172 13.73 -1.28 15.97
CA LEU A 172 14.23 -2.65 15.85
C LEU A 172 14.72 -2.95 14.44
N PHE A 173 13.86 -2.77 13.44
CA PHE A 173 14.23 -3.04 12.06
C PHE A 173 15.41 -2.19 11.61
N GLU A 174 15.49 -0.95 12.06
CA GLU A 174 16.60 -0.09 11.68
C GLU A 174 17.91 -0.63 12.25
N SER A 175 17.82 -1.21 13.45
CA SER A 175 19.00 -1.76 14.09
C SER A 175 19.50 -3.00 13.35
N ASP A 176 18.63 -3.96 13.13
CA ASP A 176 19.03 -5.18 12.43
C ASP A 176 19.81 -4.86 11.15
N THR A 177 19.31 -3.91 10.38
CA THR A 177 19.96 -3.51 9.13
C THR A 177 21.34 -2.96 9.43
N GLN A 178 21.44 -2.17 10.51
CA GLN A 178 22.72 -1.60 10.91
C GLN A 178 23.76 -2.68 11.18
N ARG A 179 23.32 -3.85 11.63
CA ARG A 179 24.23 -4.97 11.90
C ARG A 179 24.51 -5.80 10.64
N ASN A 180 23.95 -7.01 10.61
CA ASN A 180 24.15 -7.93 9.49
C ASN A 180 24.03 -7.34 8.10
N GLY A 181 23.27 -6.26 7.96
CA GLY A 181 23.10 -5.64 6.66
C GLY A 181 21.76 -5.96 6.02
N LYS A 182 21.07 -6.98 6.55
CA LYS A 182 19.76 -7.37 6.03
C LYS A 182 18.76 -6.24 6.22
N ASP A 183 17.97 -5.96 5.18
CA ASP A 183 17.00 -4.89 5.23
C ASP A 183 15.58 -5.36 5.01
N GLY A 184 14.81 -5.39 6.10
CA GLY A 184 13.42 -5.80 6.01
C GLY A 184 12.59 -4.72 5.33
N ASN A 185 13.19 -3.56 5.10
CA ASN A 185 12.47 -2.48 4.45
C ASN A 185 13.13 -2.17 3.10
N ILE A 186 13.85 -3.13 2.57
CA ILE A 186 14.55 -2.93 1.31
C ILE A 186 13.60 -2.67 0.13
N GLY A 187 12.35 -3.09 0.28
CA GLY A 187 11.37 -2.91 -0.77
C GLY A 187 11.21 -1.50 -1.31
N LYS A 189 13.64 0.70 -1.16
CA LYS A 189 14.99 1.11 -1.52
C LYS A 189 15.39 0.63 -2.92
N ILE A 190 14.73 -0.43 -3.40
CA ILE A 190 15.04 -0.97 -4.72
C ILE A 190 15.10 0.13 -5.80
N PRO A 191 14.16 1.09 -5.77
CA PRO A 191 14.19 2.15 -6.78
C PRO A 191 15.52 2.92 -6.76
N ILE A 192 15.98 3.24 -5.56
CA ILE A 192 17.22 3.98 -5.39
C ILE A 192 18.42 3.18 -5.89
N TYR A 193 18.52 1.92 -5.47
CA TYR A 193 19.63 1.08 -5.92
C TYR A 193 19.58 0.93 -7.44
N LEU A 194 18.39 0.72 -7.96
CA LEU A 194 18.22 0.56 -9.40
C LEU A 194 18.69 1.82 -10.14
N SER A 195 18.42 2.98 -9.55
CA SER A 195 18.82 4.24 -10.15
C SER A 195 20.35 4.38 -10.19
N GLU A 196 21.00 4.15 -9.05
CA GLU A 196 22.45 4.24 -8.98
C GLU A 196 23.09 3.27 -9.99
N LEU A 197 22.39 2.18 -10.31
CA LEU A 197 22.93 1.20 -11.25
C LEU A 197 22.67 1.54 -12.71
N GLY A 198 22.03 2.67 -12.96
CA GLY A 198 21.78 3.07 -14.33
C GLY A 198 20.58 2.47 -15.04
N VAL A 199 19.67 1.84 -14.29
CA VAL A 199 18.47 1.26 -14.89
C VAL A 199 17.57 2.39 -15.40
N LYS A 200 16.84 2.17 -16.49
CA LYS A 200 15.97 3.19 -17.07
C LYS A 200 14.48 2.92 -16.86
N ASN A 201 13.66 3.96 -16.93
CA ASN A 201 12.21 3.81 -16.76
C ASN A 201 11.85 3.07 -15.47
N ILE A 202 12.51 3.47 -14.38
CA ILE A 202 12.27 2.86 -13.08
C ILE A 202 10.89 3.23 -12.55
N GLU A 203 10.22 2.27 -11.93
CA GLU A 203 8.90 2.53 -11.40
C GLU A 203 8.58 1.56 -10.28
N CYS A 204 7.88 2.03 -9.26
CA CYS A 204 7.53 1.16 -8.15
C CYS A 204 6.03 1.16 -7.90
N ARG A 205 5.50 0.00 -7.58
CA ARG A 205 4.08 -0.12 -7.29
C ARG A 205 3.85 -0.96 -6.04
N VAL A 206 2.76 -0.68 -5.35
CA VAL A 206 2.41 -1.44 -4.16
C VAL A 206 1.34 -2.43 -4.58
N SER A 207 1.44 -3.68 -4.12
CA SER A 207 0.41 -4.63 -4.46
C SER A 207 -0.87 -4.07 -3.84
N ASP A 208 -1.95 -4.00 -4.61
CA ASP A 208 -3.20 -3.43 -4.11
C ASP A 208 -3.96 -4.34 -3.14
N LYS A 209 -3.41 -5.51 -2.86
CA LYS A 209 -4.03 -6.48 -1.97
C LYS A 209 -4.33 -6.07 -0.53
N VAL A 210 -5.56 -6.35 -0.12
CA VAL A 210 -5.99 -6.07 1.24
C VAL A 210 -6.84 -7.25 1.69
N ASN A 211 -6.40 -7.92 2.75
CA ASN A 211 -7.14 -9.06 3.26
C ASN A 211 -8.14 -8.54 4.27
N PHE A 212 -9.36 -9.08 4.21
CA PHE A 212 -10.41 -8.67 5.12
C PHE A 212 -11.09 -9.86 5.80
N LEU A 213 -10.72 -10.13 7.05
CA LEU A 213 -11.34 -11.21 7.80
C LEU A 213 -12.62 -10.56 8.32
N ASP A 214 -13.72 -10.85 7.64
CA ASP A 214 -15.04 -10.29 7.92
C ASP A 214 -15.84 -11.04 8.96
N SER A 215 -15.93 -10.44 10.13
CA SER A 215 -16.67 -11.05 11.22
C SER A 215 -18.14 -11.34 10.87
N ASN A 216 -18.65 -10.75 9.80
CA ASN A 216 -20.03 -11.00 9.42
C ASN A 216 -20.18 -11.92 8.24
N HIS A 218 -20.04 -15.51 6.76
CA HIS A 218 -20.08 -16.88 7.26
C HIS A 218 -20.07 -17.83 6.08
N HIS A 219 -18.87 -18.12 5.61
CA HIS A 219 -18.68 -18.96 4.43
C HIS A 219 -17.34 -19.65 4.60
N ASN A 220 -17.12 -20.74 3.88
CA ASN A 220 -15.84 -21.44 3.99
C ASN A 220 -14.65 -20.56 3.61
N ASP A 221 -14.89 -19.57 2.75
CA ASP A 221 -13.82 -18.69 2.35
C ASP A 221 -13.30 -17.91 3.55
N LYS A 222 -14.19 -17.47 4.42
CA LYS A 222 -13.75 -16.72 5.58
C LYS A 222 -12.92 -17.64 6.45
N ASN A 223 -13.37 -18.88 6.62
CA ASN A 223 -12.63 -19.83 7.43
C ASN A 223 -11.26 -20.09 6.80
N ASP A 224 -11.24 -20.28 5.49
CA ASP A 224 -9.99 -20.53 4.79
C ASP A 224 -9.00 -19.38 4.91
N LEU A 225 -9.51 -18.15 4.94
CA LEU A 225 -8.64 -16.98 5.08
C LEU A 225 -7.98 -17.01 6.46
N TYR A 226 -8.77 -17.24 7.50
CA TYR A 226 -8.23 -17.30 8.87
C TYR A 226 -7.10 -18.30 8.96
N GLN A 227 -7.33 -19.47 8.37
CA GLN A 227 -6.34 -20.55 8.36
C GLN A 227 -5.06 -20.08 7.67
N SER A 228 -5.20 -19.43 6.53
CA SER A 228 -4.05 -18.93 5.80
C SER A 228 -3.31 -17.89 6.64
N LEU A 229 -4.07 -16.98 7.23
CA LEU A 229 -3.50 -15.95 8.07
C LEU A 229 -2.65 -16.56 9.19
N LYS A 230 -3.17 -17.58 9.86
CA LYS A 230 -2.42 -18.20 10.94
C LYS A 230 -1.22 -19.00 10.44
N GLU A 231 -1.35 -19.67 9.30
CA GLU A 231 -0.23 -20.44 8.78
C GLU A 231 0.93 -19.53 8.38
N GLU A 232 0.67 -18.24 8.27
CA GLU A 232 1.70 -17.28 7.93
C GLU A 232 2.40 -16.77 9.18
N GLY A 233 1.82 -17.07 10.34
CA GLY A 233 2.43 -16.64 11.59
C GLY A 233 1.83 -15.37 12.17
N ILE A 234 0.75 -14.87 11.58
CA ILE A 234 0.10 -13.65 12.07
C ILE A 234 -0.41 -13.87 13.51
N ALA A 235 -0.02 -12.96 14.40
CA ALA A 235 -0.46 -13.03 15.79
C ALA A 235 -0.06 -14.34 16.49
N GLY A 236 1.18 -14.78 16.26
CA GLY A 236 1.65 -16.02 16.88
C GLY A 236 2.02 -15.86 18.34
N ASP A 237 2.16 -16.98 19.04
CA ASP A 237 2.51 -16.95 20.46
C ASP A 237 3.94 -16.46 20.64
N PRO A 238 4.15 -15.41 21.46
CA PRO A 238 5.50 -14.88 21.69
C PRO A 238 6.40 -15.85 22.42
N GLY A 239 5.78 -16.79 23.15
CA GLY A 239 6.55 -17.78 23.89
C GLY A 239 7.07 -17.26 25.23
N ASP A 240 8.14 -17.89 25.72
CA ASP A 240 8.74 -17.52 26.99
C ASP A 240 9.06 -16.04 27.04
N LYS A 241 8.48 -15.35 28.01
CA LYS A 241 8.70 -13.92 28.17
C LYS A 241 10.17 -13.54 28.29
N GLN A 242 10.88 -14.19 29.20
CA GLN A 242 12.29 -13.88 29.41
C GLN A 242 13.13 -14.02 28.13
N GLN A 243 13.02 -15.16 27.46
CA GLN A 243 13.77 -15.37 26.22
C GLN A 243 13.47 -14.29 25.18
N PHE A 244 12.19 -13.92 25.10
CA PHE A 244 11.76 -12.90 24.15
C PHE A 244 12.46 -11.58 24.41
N VAL A 245 12.33 -11.07 25.62
CA VAL A 245 12.94 -9.82 25.98
C VAL A 245 14.45 -9.83 25.72
N GLU A 246 15.13 -10.87 26.19
CA GLU A 246 16.57 -10.97 25.99
C GLU A 246 16.94 -10.97 24.53
N ARG A 247 16.29 -11.83 23.75
CA ARG A 247 16.56 -11.94 22.33
C ARG A 247 16.44 -10.58 21.63
N LEU A 248 15.44 -9.80 22.02
CA LEU A 248 15.24 -8.49 21.42
C LEU A 248 16.31 -7.50 21.88
N ILE A 249 16.64 -7.55 23.17
CA ILE A 249 17.65 -6.66 23.73
C ILE A 249 18.96 -6.85 22.97
N ALA A 250 19.25 -8.10 22.63
CA ALA A 250 20.47 -8.43 21.90
C ALA A 250 20.42 -7.86 20.48
N ARG A 251 19.27 -7.35 20.08
CA ARG A 251 19.14 -6.79 18.74
C ARG A 251 19.22 -5.27 18.72
N GLY A 252 19.39 -4.67 19.89
CA GLY A 252 19.52 -3.23 19.96
C GLY A 252 18.42 -2.50 20.72
N LEU A 253 17.46 -3.23 21.23
CA LEU A 253 16.37 -2.61 21.96
C LEU A 253 16.65 -2.59 23.46
N THR A 254 15.96 -1.71 24.17
CA THR A 254 16.12 -1.60 25.61
C THR A 254 15.20 -2.62 26.27
N TYR A 255 15.22 -2.65 27.60
CA TYR A 255 14.37 -3.58 28.32
C TYR A 255 12.90 -3.13 28.27
N ASP A 256 12.66 -1.83 28.34
CA ASP A 256 11.30 -1.33 28.31
C ASP A 256 10.68 -1.54 26.93
N ASN A 257 11.43 -1.19 25.89
CA ASN A 257 10.95 -1.36 24.52
C ASN A 257 10.65 -2.82 24.25
N ALA A 258 11.57 -3.68 24.68
CA ALA A 258 11.40 -5.12 24.48
C ALA A 258 10.19 -5.65 25.24
N LEU A 259 9.96 -5.13 26.44
CA LEU A 259 8.82 -5.57 27.24
C LEU A 259 7.52 -5.14 26.58
N ALA A 260 7.49 -3.89 26.14
CA ALA A 260 6.32 -3.33 25.48
C ALA A 260 6.03 -4.14 24.22
N GLN A 261 7.09 -4.63 23.59
CA GLN A 261 6.96 -5.44 22.40
C GLN A 261 6.34 -6.78 22.74
N TYR A 262 6.82 -7.39 23.82
CA TYR A 262 6.30 -8.68 24.27
C TYR A 262 4.80 -8.59 24.54
N GLU A 263 4.42 -7.68 25.43
CA GLU A 263 3.02 -7.51 25.79
C GLU A 263 2.15 -7.23 24.57
N ALA A 264 2.73 -6.57 23.57
CA ALA A 264 2.01 -6.26 22.34
C ALA A 264 1.74 -7.53 21.56
N GLU A 265 2.78 -8.33 21.32
CA GLU A 265 2.61 -9.58 20.59
C GLU A 265 1.70 -10.52 21.36
N LEU A 266 1.78 -10.46 22.69
CA LEU A 266 0.95 -11.32 23.54
C LEU A 266 -0.50 -10.94 23.35
N ARG A 267 -0.78 -9.64 23.38
CA ARG A 267 -2.13 -9.12 23.21
C ARG A 267 -2.73 -9.55 21.87
N PHE A 268 -1.94 -9.44 20.81
CA PHE A 268 -2.41 -9.80 19.48
C PHE A 268 -2.76 -11.28 19.46
N PHE A 269 -1.87 -12.09 20.02
CA PHE A 269 -2.07 -13.53 20.08
C PHE A 269 -3.38 -13.87 20.80
N LYS A 270 -3.65 -13.15 21.87
CA LYS A 270 -4.87 -13.39 22.63
C LYS A 270 -6.11 -12.73 22.05
N ALA A 271 -5.93 -11.72 21.20
CA ALA A 271 -7.05 -11.02 20.62
C ALA A 271 -7.58 -11.55 19.28
N LEU A 272 -6.69 -12.04 18.43
CA LEU A 272 -7.13 -12.53 17.12
C LEU A 272 -7.70 -13.93 17.12
N HIS A 273 -8.86 -14.08 16.50
CA HIS A 273 -9.48 -15.40 16.38
C HIS A 273 -10.44 -15.44 15.21
N LEU A 274 -10.91 -16.63 14.89
CA LEU A 274 -11.82 -16.83 13.77
C LEU A 274 -13.01 -15.87 13.72
N HIS A 275 -13.49 -15.43 14.86
CA HIS A 275 -14.64 -14.52 14.91
C HIS A 275 -14.30 -13.05 14.77
N SER A 276 -13.02 -12.72 14.79
CA SER A 276 -12.57 -11.34 14.69
C SER A 276 -12.76 -10.67 13.33
N SER A 277 -12.59 -9.35 13.32
CA SER A 277 -12.65 -8.56 12.09
C SER A 277 -11.24 -7.95 11.95
N LEU A 278 -10.50 -8.41 10.95
CA LEU A 278 -9.15 -7.93 10.71
C LEU A 278 -8.95 -7.47 9.27
N VAL A 279 -8.27 -6.34 9.12
CA VAL A 279 -7.98 -5.83 7.78
C VAL A 279 -6.47 -5.71 7.73
N TYR A 280 -5.87 -6.42 6.78
CA TYR A 280 -4.42 -6.45 6.64
C TYR A 280 -3.97 -6.21 5.20
N ALA A 281 -3.06 -5.27 4.99
CA ALA A 281 -2.56 -4.96 3.65
C ALA A 281 -1.05 -5.20 3.62
N PRO A 282 -0.61 -6.41 3.25
CA PRO A 282 0.82 -6.74 3.20
C PRO A 282 1.72 -5.62 2.68
N ASN A 283 1.21 -4.80 1.76
CA ASN A 283 1.99 -3.69 1.27
C ASN A 283 3.28 -4.11 0.58
N LYS A 285 6.10 -4.47 -2.07
CA LYS A 285 6.61 -3.48 -3.01
C LYS A 285 7.18 -4.08 -4.26
N ILE A 286 6.62 -3.67 -5.39
CA ILE A 286 7.04 -4.18 -6.69
C ILE A 286 7.80 -3.12 -7.47
N THR A 287 9.12 -3.28 -7.59
CA THR A 287 9.95 -2.32 -8.32
C THR A 287 10.49 -2.94 -9.58
N PHE A 288 10.49 -2.16 -10.66
CA PHE A 288 10.98 -2.63 -11.94
C PHE A 288 11.55 -1.52 -12.82
N GLY A 289 12.38 -1.93 -13.78
CA GLY A 289 12.99 -0.98 -14.70
C GLY A 289 13.46 -1.68 -15.96
N GLU A 290 14.02 -0.92 -16.90
CA GLU A 290 14.53 -1.49 -18.14
C GLU A 290 16.04 -1.31 -18.26
N ILE A 291 16.70 -2.30 -18.84
CA ILE A 291 18.14 -2.27 -19.04
C ILE A 291 18.47 -1.52 -20.32
N GLU A 292 19.14 -0.37 -20.18
CA GLU A 292 19.49 0.47 -21.32
C GLU A 292 19.98 -0.30 -22.55
N CYS A 293 19.20 -0.20 -23.63
CA CYS A 293 19.51 -0.90 -24.88
C CYS A 293 20.35 -0.07 -25.86
N TYR B 13 -4.14 20.95 -8.95
CA TYR B 13 -5.30 20.13 -8.46
C TYR B 13 -5.40 18.73 -9.10
N LEU B 14 -5.08 18.63 -10.38
CA LEU B 14 -5.15 17.36 -11.10
C LEU B 14 -3.76 16.82 -11.51
N LYS B 15 -2.91 17.68 -12.07
CA LYS B 15 -1.56 17.27 -12.48
C LYS B 15 -0.69 17.19 -11.22
N ASN B 16 -1.31 17.46 -10.06
CA ASN B 16 -0.61 17.45 -8.79
C ASN B 16 -1.18 16.41 -7.84
N THR B 17 -2.23 16.80 -7.11
CA THR B 17 -2.87 15.91 -6.14
C THR B 17 -3.19 14.55 -6.73
N ARG B 18 -4.06 14.52 -7.73
CA ARG B 18 -4.45 13.28 -8.38
C ARG B 18 -3.22 12.44 -8.75
N ASP B 19 -2.32 13.04 -9.51
CA ASP B 19 -1.09 12.38 -9.96
C ASP B 19 -0.18 11.92 -8.83
N LEU B 20 -0.42 12.40 -7.63
CA LEU B 20 0.41 12.02 -6.50
C LEU B 20 -0.17 10.82 -5.74
N TYR B 21 -1.48 10.59 -5.89
CA TYR B 21 -2.12 9.50 -5.16
C TYR B 21 -2.56 8.30 -5.98
N TYR B 22 -2.79 8.47 -7.27
CA TYR B 22 -3.23 7.36 -8.10
C TYR B 22 -2.55 7.34 -9.46
N ASN B 23 -2.36 6.13 -9.99
CA ASN B 23 -1.83 5.97 -11.34
C ASN B 23 -3.12 5.90 -12.16
N ASP B 24 -3.23 6.71 -13.21
CA ASP B 24 -4.46 6.69 -13.99
C ASP B 24 -4.74 5.30 -14.58
N ASP B 25 -3.70 4.57 -14.95
CA ASP B 25 -3.90 3.23 -15.50
C ASP B 25 -4.49 2.30 -14.43
N TYR B 26 -4.14 2.51 -13.17
CA TYR B 26 -4.67 1.70 -12.09
C TYR B 26 -6.14 2.01 -11.85
N VAL B 27 -6.51 3.29 -11.93
CA VAL B 27 -7.89 3.66 -11.71
C VAL B 27 -8.74 3.08 -12.85
N SER B 28 -8.18 3.05 -14.06
CA SER B 28 -8.87 2.52 -15.21
C SER B 28 -9.07 1.02 -15.02
N PHE B 29 -8.08 0.39 -14.39
CA PHE B 29 -8.13 -1.04 -14.09
C PHE B 29 -9.29 -1.29 -13.12
N LEU B 30 -9.45 -0.39 -12.16
CA LEU B 30 -10.54 -0.53 -11.20
C LEU B 30 -11.90 -0.36 -11.86
N VAL B 31 -11.99 0.59 -12.78
CA VAL B 31 -13.26 0.85 -13.46
C VAL B 31 -13.67 -0.22 -14.46
N ASN B 32 -12.73 -0.66 -15.30
CA ASN B 32 -13.03 -1.66 -16.31
C ASN B 32 -12.86 -3.12 -15.93
N THR B 33 -11.90 -3.41 -15.07
CA THR B 33 -11.64 -4.79 -14.69
C THR B 33 -12.19 -5.27 -13.35
N VAL B 34 -11.98 -4.51 -12.29
CA VAL B 34 -12.47 -4.91 -10.98
C VAL B 34 -13.96 -4.61 -10.86
N TRP B 35 -14.34 -3.35 -11.01
CA TRP B 35 -15.74 -2.98 -10.92
C TRP B 35 -16.51 -3.34 -12.19
N LYS B 36 -15.79 -3.49 -13.30
CA LYS B 36 -16.41 -3.87 -14.57
C LYS B 36 -17.61 -2.99 -14.96
N ILE B 37 -17.44 -1.67 -14.88
CA ILE B 37 -18.51 -0.75 -15.24
C ILE B 37 -18.54 -0.58 -16.76
N THR B 38 -19.59 -1.11 -17.40
CA THR B 38 -19.70 -1.01 -18.86
C THR B 38 -20.82 -0.07 -19.31
N LYS B 39 -21.95 -0.11 -18.62
CA LYS B 39 -23.08 0.74 -18.94
C LYS B 39 -22.88 2.08 -18.22
N PRO B 40 -23.31 3.20 -18.85
CA PRO B 40 -23.16 4.51 -18.22
C PRO B 40 -23.89 4.52 -16.87
N VAL B 41 -23.30 5.20 -15.88
CA VAL B 41 -23.87 5.24 -14.53
C VAL B 41 -24.09 6.65 -14.00
N HIS B 42 -24.98 6.77 -13.03
CA HIS B 42 -25.29 8.05 -12.39
C HIS B 42 -24.66 7.94 -10.99
N ILE B 43 -23.61 8.73 -10.75
CA ILE B 43 -22.92 8.68 -9.46
C ILE B 43 -23.05 9.97 -8.66
N VAL B 44 -23.12 9.82 -7.34
CA VAL B 44 -23.22 10.97 -6.45
C VAL B 44 -21.99 10.98 -5.58
N ASP B 45 -21.34 12.14 -5.48
CA ASP B 45 -20.11 12.31 -4.71
C ASP B 45 -20.33 13.22 -3.49
N TYR B 46 -20.26 12.66 -2.29
CA TYR B 46 -20.46 13.43 -1.05
C TYR B 46 -19.18 14.15 -0.62
N GLY B 47 -19.30 15.45 -0.35
CA GLY B 47 -18.13 16.22 0.04
C GLY B 47 -17.19 16.30 -1.15
N CYS B 48 -17.76 16.46 -2.35
CA CYS B 48 -17.01 16.52 -3.60
C CYS B 48 -15.94 17.60 -3.69
N GLY B 49 -15.99 18.57 -2.80
CA GLY B 49 -15.01 19.64 -2.86
C GLY B 49 -15.16 20.32 -4.20
N TYR B 50 -14.08 20.44 -4.96
CA TYR B 50 -14.16 21.09 -6.26
C TYR B 50 -14.41 20.09 -7.41
N GLY B 51 -14.75 18.86 -7.05
CA GLY B 51 -15.04 17.84 -8.06
C GLY B 51 -13.88 16.93 -8.40
N TYR B 52 -12.90 16.87 -7.49
CA TYR B 52 -11.72 16.05 -7.68
C TYR B 52 -12.02 14.62 -8.15
N LEU B 53 -12.87 13.92 -7.42
CA LEU B 53 -13.19 12.54 -7.78
C LEU B 53 -13.90 12.47 -9.13
N GLY B 54 -14.56 13.55 -9.51
CA GLY B 54 -15.22 13.59 -10.79
C GLY B 54 -14.17 13.74 -11.90
N LEU B 55 -13.15 14.56 -11.65
CA LEU B 55 -12.10 14.76 -12.63
C LEU B 55 -11.26 13.49 -12.81
N VAL B 56 -11.38 12.56 -11.87
CA VAL B 56 -10.65 11.31 -11.91
C VAL B 56 -11.42 10.17 -12.57
N LEU B 57 -12.66 9.95 -12.13
CA LEU B 57 -13.47 8.85 -12.66
C LEU B 57 -14.25 9.12 -13.95
N PRO B 59 -13.63 10.70 -16.73
CA PRO B 59 -12.92 10.42 -17.99
C PRO B 59 -12.86 8.91 -18.30
N LEU B 60 -12.88 8.09 -17.26
CA LEU B 60 -12.81 6.65 -17.42
C LEU B 60 -14.15 5.92 -17.50
N LEU B 61 -15.20 6.55 -17.00
CA LEU B 61 -16.52 5.91 -17.02
C LEU B 61 -17.17 5.94 -18.40
N PRO B 62 -18.09 5.00 -18.65
CA PRO B 62 -18.78 4.91 -19.94
C PRO B 62 -19.36 6.25 -20.38
N GLU B 63 -19.33 6.51 -21.68
CA GLU B 63 -19.87 7.74 -22.22
C GLU B 63 -21.37 7.80 -21.91
N GLY B 64 -21.83 8.95 -21.44
CA GLY B 64 -23.23 9.10 -21.10
C GLY B 64 -23.49 9.04 -19.61
N SER B 65 -22.42 8.97 -18.82
CA SER B 65 -22.54 8.91 -17.37
C SER B 65 -22.80 10.29 -16.81
N LYS B 66 -23.40 10.32 -15.62
CA LYS B 66 -23.72 11.58 -14.97
C LYS B 66 -23.04 11.70 -13.61
N TYR B 67 -22.44 12.86 -13.35
CA TYR B 67 -21.77 13.09 -12.10
C TYR B 67 -22.49 14.16 -11.30
N THR B 68 -22.70 13.90 -10.02
CA THR B 68 -23.39 14.85 -9.13
C THR B 68 -22.60 15.04 -7.83
N GLY B 69 -22.11 16.25 -7.62
CA GLY B 69 -21.32 16.53 -6.43
C GLY B 69 -22.10 17.27 -5.35
N ILE B 70 -21.80 16.99 -4.10
CA ILE B 70 -22.48 17.62 -2.99
C ILE B 70 -21.48 18.29 -2.07
N ASP B 71 -21.73 19.55 -1.75
CA ASP B 71 -20.85 20.28 -0.84
C ASP B 71 -21.50 21.58 -0.39
N SER B 72 -20.97 22.16 0.69
CA SER B 72 -21.52 23.40 1.23
C SER B 72 -20.74 24.64 0.82
N GLY B 73 -19.50 24.44 0.43
CA GLY B 73 -18.69 25.57 0.01
C GLY B 73 -19.28 26.32 -1.17
N GLU B 74 -19.88 27.48 -0.90
CA GLU B 74 -20.50 28.28 -1.97
C GLU B 74 -19.47 28.63 -3.04
N THR B 75 -18.38 29.26 -2.62
CA THR B 75 -17.32 29.64 -3.54
C THR B 75 -16.70 28.37 -4.11
N LEU B 76 -16.74 27.30 -3.31
CA LEU B 76 -16.20 26.01 -3.70
C LEU B 76 -16.93 25.48 -4.93
N LEU B 77 -18.25 25.52 -4.88
CA LEU B 77 -19.07 25.03 -5.98
C LEU B 77 -18.88 25.89 -7.22
N ALA B 78 -18.65 27.18 -7.01
CA ALA B 78 -18.43 28.12 -8.10
C ALA B 78 -17.23 27.68 -8.93
N GLU B 79 -16.16 27.28 -8.26
CA GLU B 79 -14.96 26.85 -8.96
C GLU B 79 -15.22 25.51 -9.64
N ALA B 80 -15.93 24.64 -8.94
CA ALA B 80 -16.23 23.31 -9.47
C ALA B 80 -17.02 23.42 -10.76
N ARG B 81 -18.07 24.24 -10.72
CA ARG B 81 -18.93 24.44 -11.88
C ARG B 81 -18.13 25.02 -13.04
N GLU B 82 -17.30 26.02 -12.74
CA GLU B 82 -16.50 26.64 -13.78
C GLU B 82 -15.44 25.67 -14.30
N LEU B 83 -15.03 24.76 -13.43
CA LEU B 83 -14.03 23.78 -13.80
C LEU B 83 -14.62 22.70 -14.71
N PHE B 84 -15.88 22.36 -14.49
CA PHE B 84 -16.52 21.33 -15.31
C PHE B 84 -17.29 21.90 -16.50
N ARG B 85 -17.48 23.21 -16.52
CA ARG B 85 -18.19 23.86 -17.61
C ARG B 85 -17.51 23.60 -18.94
N LEU B 86 -16.19 23.57 -18.90
CA LEU B 86 -15.36 23.34 -20.08
C LEU B 86 -15.29 21.86 -20.49
N LEU B 87 -15.37 20.96 -19.50
CA LEU B 87 -15.30 19.53 -19.75
C LEU B 87 -16.54 18.97 -20.44
N PRO B 88 -16.36 17.89 -21.21
CA PRO B 88 -17.45 17.22 -21.94
C PRO B 88 -18.18 16.18 -21.10
N TYR B 89 -18.24 16.40 -19.79
CA TYR B 89 -18.89 15.46 -18.90
C TYR B 89 -20.12 16.08 -18.23
N ASP B 90 -21.25 15.36 -18.25
CA ASP B 90 -22.47 15.83 -17.61
C ASP B 90 -22.24 15.89 -16.10
N SER B 91 -22.16 17.09 -15.56
CA SER B 91 -21.93 17.24 -14.13
C SER B 91 -22.82 18.32 -13.51
N GLU B 92 -23.18 18.12 -12.25
CA GLU B 92 -24.00 19.07 -11.52
C GLU B 92 -23.53 19.07 -10.07
N PHE B 93 -23.65 20.22 -9.42
CA PHE B 93 -23.25 20.33 -8.03
C PHE B 93 -24.38 20.89 -7.18
N LEU B 94 -24.66 20.21 -6.08
CA LEU B 94 -25.73 20.61 -5.17
C LEU B 94 -25.12 21.25 -3.94
N GLU B 95 -25.66 22.39 -3.53
CA GLU B 95 -25.15 23.06 -2.35
C GLU B 95 -25.96 22.58 -1.15
N GLY B 96 -25.26 22.19 -0.09
CA GLY B 96 -25.94 21.72 1.10
C GLY B 96 -25.04 20.90 2.00
N ASP B 97 -25.50 20.66 3.22
CA ASP B 97 -24.74 19.87 4.19
C ASP B 97 -24.96 18.40 3.83
N ALA B 98 -23.88 17.75 3.43
CA ALA B 98 -23.94 16.34 3.05
C ALA B 98 -24.45 15.45 4.17
N THR B 99 -24.37 15.94 5.39
CA THR B 99 -24.81 15.16 6.54
C THR B 99 -26.32 15.25 6.77
N GLU B 100 -26.98 16.13 6.03
CA GLU B 100 -28.42 16.28 6.18
C GLU B 100 -29.18 16.47 4.89
N ILE B 101 -28.45 16.57 3.78
CA ILE B 101 -29.06 16.74 2.47
C ILE B 101 -30.03 15.58 2.22
N GLU B 102 -31.17 15.87 1.59
CA GLU B 102 -32.16 14.82 1.29
C GLU B 102 -32.29 14.69 -0.23
N LEU B 103 -31.80 13.58 -0.77
CA LEU B 103 -31.86 13.35 -2.20
C LEU B 103 -33.18 12.73 -2.62
N ASN B 104 -33.70 13.14 -3.76
CA ASN B 104 -34.96 12.61 -4.26
C ASN B 104 -34.71 11.51 -5.29
N ASP B 105 -33.45 11.16 -5.49
CA ASP B 105 -33.07 10.13 -6.45
C ASP B 105 -32.20 9.03 -5.86
N LYS B 106 -32.13 7.91 -6.59
CA LYS B 106 -31.29 6.77 -6.21
C LYS B 106 -30.22 6.71 -7.28
N TYR B 107 -28.97 6.50 -6.88
CA TYR B 107 -27.87 6.45 -7.85
C TYR B 107 -27.28 5.04 -8.01
N ASP B 108 -26.57 4.86 -9.13
CA ASP B 108 -25.93 3.60 -9.43
C ASP B 108 -24.70 3.42 -8.53
N ILE B 109 -24.07 4.53 -8.21
CA ILE B 109 -22.89 4.50 -7.36
C ILE B 109 -22.83 5.73 -6.48
N ALA B 110 -22.46 5.52 -5.22
CA ALA B 110 -22.30 6.64 -4.30
C ALA B 110 -20.82 6.59 -3.92
N ILE B 111 -20.09 7.69 -4.08
CA ILE B 111 -18.67 7.73 -3.72
C ILE B 111 -18.30 8.94 -2.88
N CYS B 112 -17.09 8.93 -2.35
CA CYS B 112 -16.59 10.05 -1.55
C CYS B 112 -15.08 9.89 -1.46
N HIS B 113 -14.37 11.01 -1.38
CA HIS B 113 -12.91 10.97 -1.30
C HIS B 113 -12.46 11.81 -0.13
N ALA B 114 -11.76 11.18 0.83
CA ALA B 114 -11.26 11.88 2.02
C ALA B 114 -12.39 12.71 2.63
N PHE B 115 -13.51 12.05 2.87
CA PHE B 115 -14.68 12.72 3.43
C PHE B 115 -15.06 12.10 4.78
N LEU B 116 -15.08 10.78 4.83
CA LEU B 116 -15.47 10.10 6.05
C LEU B 116 -14.52 10.31 7.22
N LEU B 117 -13.28 10.72 6.96
CA LEU B 117 -12.33 10.91 8.05
C LEU B 117 -12.65 12.14 8.89
N HIS B 118 -13.48 13.02 8.35
CA HIS B 118 -13.87 14.25 9.05
C HIS B 118 -15.21 14.14 9.75
N THR B 120 -17.77 12.80 12.69
CA THR B 120 -17.66 12.43 14.09
C THR B 120 -18.36 11.09 14.28
N THR B 121 -19.20 10.73 13.32
CA THR B 121 -19.92 9.47 13.36
C THR B 121 -19.98 8.87 11.96
N PRO B 122 -18.85 8.33 11.47
CA PRO B 122 -18.71 7.73 10.15
C PRO B 122 -19.82 6.74 9.76
N GLU B 123 -20.20 5.87 10.68
CA GLU B 123 -21.22 4.86 10.42
C GLU B 123 -22.53 5.47 9.95
N THR B 124 -22.94 6.55 10.60
CA THR B 124 -24.21 7.21 10.24
C THR B 124 -24.14 7.79 8.84
N LEU B 126 -22.26 6.89 6.46
CA LEU B 126 -22.21 5.80 5.50
C LEU B 126 -23.62 5.28 5.25
N GLN B 127 -24.38 5.13 6.33
CA GLN B 127 -25.75 4.66 6.26
C GLN B 127 -26.50 5.56 5.29
N LYS B 128 -26.27 6.87 5.39
CA LYS B 128 -26.93 7.83 4.51
C LYS B 128 -26.57 7.59 3.05
N ILE B 130 -25.45 4.96 1.63
CA ILE B 130 -26.04 3.69 1.23
C ILE B 130 -27.49 3.87 0.80
N HIS B 131 -28.25 4.61 1.61
CA HIS B 131 -29.67 4.83 1.32
C HIS B 131 -29.91 5.58 0.02
N SER B 132 -28.89 6.27 -0.49
CA SER B 132 -29.06 7.01 -1.74
C SER B 132 -28.69 6.13 -2.92
N VAL B 133 -28.24 4.91 -2.64
CA VAL B 133 -27.85 3.97 -3.69
C VAL B 133 -28.99 3.02 -4.05
N LYS B 134 -29.18 2.76 -5.34
CA LYS B 134 -30.25 1.86 -5.76
C LYS B 134 -29.84 0.39 -5.59
N LYS B 135 -30.82 -0.49 -5.45
CA LYS B 135 -30.55 -1.91 -5.30
C LYS B 135 -29.66 -2.42 -6.45
N GLY B 136 -28.59 -3.10 -6.10
CA GLY B 136 -27.67 -3.60 -7.11
C GLY B 136 -26.57 -2.59 -7.35
N GLY B 137 -26.70 -1.42 -6.75
CA GLY B 137 -25.70 -0.37 -6.93
C GLY B 137 -24.47 -0.60 -6.06
N LYS B 138 -23.49 0.26 -6.23
CA LYS B 138 -22.24 0.14 -5.49
C LYS B 138 -21.93 1.38 -4.65
N ILE B 139 -21.07 1.20 -3.66
CA ILE B 139 -20.63 2.32 -2.85
C ILE B 139 -19.10 2.22 -2.88
N ILE B 140 -18.45 3.33 -3.24
CA ILE B 140 -16.99 3.38 -3.30
C ILE B 140 -16.52 4.49 -2.38
N CYS B 141 -15.57 4.19 -1.51
CA CYS B 141 -15.02 5.17 -0.59
C CYS B 141 -13.50 5.25 -0.73
N PHE B 142 -13.00 6.45 -1.02
CA PHE B 142 -11.57 6.70 -1.14
C PHE B 142 -11.15 7.43 0.13
N GLU B 143 -10.70 6.68 1.12
CA GLU B 143 -10.29 7.28 2.38
C GLU B 143 -8.84 6.95 2.72
N PRO B 144 -8.16 7.87 3.41
CA PRO B 144 -6.76 7.64 3.79
C PRO B 144 -6.56 6.82 5.06
N HIS B 145 -5.32 6.39 5.26
CA HIS B 145 -4.91 5.63 6.44
C HIS B 145 -3.57 6.25 6.83
N TRP B 146 -3.65 7.38 7.52
CA TRP B 146 -2.48 8.14 7.92
C TRP B 146 -1.31 7.32 8.46
N ILE B 147 -1.56 6.40 9.38
CA ILE B 147 -0.46 5.65 9.94
C ILE B 147 0.34 4.85 8.89
N SER B 148 -0.34 4.13 8.01
CA SER B 148 0.38 3.37 6.97
C SER B 148 1.02 4.35 5.97
N ASN B 149 0.40 5.54 5.84
CA ASN B 149 0.92 6.57 4.95
C ASN B 149 2.29 7.04 5.45
N ALA B 151 4.31 5.58 7.51
CA ALA B 151 5.29 4.50 7.51
C ALA B 151 5.82 4.23 6.10
N SER B 152 5.19 4.83 5.10
CA SER B 152 5.61 4.60 3.72
C SER B 152 6.49 5.70 3.15
N TYR B 153 7.50 6.07 3.91
CA TYR B 153 8.46 7.10 3.51
C TYR B 153 9.85 6.54 3.56
N LEU B 154 10.64 6.92 2.56
CA LEU B 154 12.02 6.47 2.49
C LEU B 154 12.82 7.62 1.90
N LEU B 155 13.78 8.12 2.67
CA LEU B 155 14.63 9.23 2.26
C LEU B 155 16.07 8.75 2.26
N ASP B 156 16.65 8.59 1.08
CA ASP B 156 18.03 8.14 0.98
C ASP B 156 18.94 9.07 1.77
N GLY B 157 19.77 8.49 2.64
CA GLY B 157 20.69 9.27 3.43
C GLY B 157 20.25 9.52 4.85
N GLU B 158 18.99 9.24 5.15
CA GLU B 158 18.46 9.45 6.48
C GLU B 158 17.68 8.22 6.93
N LYS B 159 17.74 7.94 8.23
CA LYS B 159 16.99 6.82 8.77
C LYS B 159 15.58 7.32 8.99
N GLN B 160 14.59 6.51 8.62
CA GLN B 160 13.19 6.92 8.78
C GLN B 160 12.87 7.45 10.19
N SER B 161 13.35 6.75 11.21
CA SER B 161 13.12 7.15 12.59
C SER B 161 13.68 8.55 12.91
N GLU B 162 14.58 9.04 12.07
CA GLU B 162 15.16 10.35 12.27
C GLU B 162 14.17 11.45 11.94
N PHE B 163 13.36 11.27 10.90
CA PHE B 163 12.43 12.30 10.52
C PHE B 163 10.97 11.91 10.63
N ILE B 164 10.73 10.70 11.13
CA ILE B 164 9.36 10.23 11.33
C ILE B 164 9.29 9.32 12.56
N GLN B 165 8.63 9.80 13.60
CA GLN B 165 8.47 9.03 14.85
C GLN B 165 7.14 8.29 14.77
N LEU B 166 7.17 7.10 14.17
CA LEU B 166 5.95 6.30 14.02
C LEU B 166 5.23 6.05 15.34
N GLY B 167 6.00 5.80 16.40
CA GLY B 167 5.40 5.57 17.71
C GLY B 167 4.58 6.77 18.18
N VAL B 168 5.18 7.94 18.15
CA VAL B 168 4.48 9.15 18.59
C VAL B 168 3.26 9.39 17.72
N LEU B 169 3.44 9.33 16.39
CA LEU B 169 2.34 9.53 15.46
C LEU B 169 1.22 8.52 15.69
N GLN B 170 1.61 7.28 15.98
CA GLN B 170 0.61 6.23 16.22
C GLN B 170 -0.25 6.59 17.45
N LYS B 171 0.38 7.11 18.51
CA LYS B 171 -0.34 7.49 19.72
C LYS B 171 -1.15 8.75 19.45
N LEU B 172 -0.54 9.70 18.75
CA LEU B 172 -1.20 10.95 18.42
C LEU B 172 -2.51 10.72 17.68
N PHE B 173 -2.45 10.03 16.54
CA PHE B 173 -3.65 9.77 15.77
C PHE B 173 -4.71 9.01 16.55
N GLU B 174 -4.28 8.09 17.41
CA GLU B 174 -5.24 7.32 18.19
C GLU B 174 -5.95 8.24 19.17
N SER B 175 -5.22 9.23 19.69
CA SER B 175 -5.80 10.18 20.63
C SER B 175 -6.84 11.06 19.97
N ASP B 176 -6.47 11.71 18.87
CA ASP B 176 -7.39 12.60 18.17
C ASP B 176 -8.74 11.91 17.95
N THR B 177 -8.71 10.67 17.51
CA THR B 177 -9.92 9.90 17.25
C THR B 177 -10.70 9.74 18.55
N GLN B 178 -9.98 9.48 19.64
CA GLN B 178 -10.60 9.32 20.95
C GLN B 178 -11.39 10.56 21.34
N ARG B 179 -10.96 11.73 20.88
CA ARG B 179 -11.65 12.98 21.19
C ARG B 179 -12.78 13.28 20.21
N ASN B 180 -12.56 14.26 19.35
CA ASN B 180 -13.56 14.68 18.36
C ASN B 180 -14.26 13.55 17.59
N GLY B 181 -13.60 12.41 17.46
CA GLY B 181 -14.21 11.30 16.74
C GLY B 181 -13.63 11.12 15.34
N LYS B 182 -12.95 12.16 14.84
CA LYS B 182 -12.33 12.10 13.51
C LYS B 182 -11.28 11.01 13.46
N ASP B 183 -11.30 10.22 12.39
CA ASP B 183 -10.36 9.12 12.25
C ASP B 183 -9.49 9.24 11.01
N GLY B 184 -8.22 9.58 11.22
CA GLY B 184 -7.29 9.72 10.11
C GLY B 184 -6.92 8.34 9.58
N ASN B 185 -7.34 7.29 10.28
CA ASN B 185 -7.05 5.94 9.85
C ASN B 185 -8.33 5.22 9.50
N ILE B 186 -9.37 5.98 9.21
CA ILE B 186 -10.67 5.40 8.89
C ILE B 186 -10.66 4.55 7.62
N GLY B 187 -9.66 4.79 6.76
CA GLY B 187 -9.56 4.05 5.51
C GLY B 187 -9.57 2.54 5.63
N LYS B 189 -10.98 1.00 8.15
CA LYS B 189 -12.18 0.68 8.92
C LYS B 189 -13.43 0.62 8.06
N ILE B 190 -13.40 1.27 6.89
CA ILE B 190 -14.56 1.27 5.99
C ILE B 190 -15.12 -0.13 5.76
N PRO B 191 -14.24 -1.14 5.56
CA PRO B 191 -14.74 -2.50 5.33
C PRO B 191 -15.60 -2.98 6.49
N ILE B 192 -15.15 -2.71 7.72
CA ILE B 192 -15.87 -3.12 8.91
C ILE B 192 -17.22 -2.41 9.01
N TYR B 193 -17.24 -1.09 8.85
CA TYR B 193 -18.49 -0.35 8.92
C TYR B 193 -19.44 -0.84 7.82
N LEU B 194 -18.89 -1.05 6.63
CA LEU B 194 -19.70 -1.50 5.51
C LEU B 194 -20.33 -2.87 5.83
N SER B 195 -19.58 -3.71 6.53
CA SER B 195 -20.06 -5.03 6.90
C SER B 195 -21.22 -4.93 7.88
N GLU B 196 -21.04 -4.17 8.96
CA GLU B 196 -22.09 -4.00 9.95
C GLU B 196 -23.35 -3.44 9.30
N LEU B 197 -23.20 -2.68 8.21
CA LEU B 197 -24.35 -2.09 7.53
C LEU B 197 -25.02 -3.02 6.54
N GLY B 198 -24.52 -4.25 6.42
CA GLY B 198 -25.14 -5.21 5.52
C GLY B 198 -24.76 -5.13 4.05
N VAL B 199 -23.70 -4.39 3.72
CA VAL B 199 -23.26 -4.29 2.33
C VAL B 199 -22.71 -5.67 1.88
N LYS B 200 -22.88 -6.02 0.61
CA LYS B 200 -22.43 -7.30 0.09
C LYS B 200 -21.20 -7.19 -0.82
N ASN B 201 -20.47 -8.30 -0.98
CA ASN B 201 -19.28 -8.32 -1.84
C ASN B 201 -18.30 -7.20 -1.51
N ILE B 202 -18.06 -7.00 -0.22
CA ILE B 202 -17.15 -5.97 0.25
C ILE B 202 -15.72 -6.30 -0.13
N GLU B 203 -14.98 -5.29 -0.53
CA GLU B 203 -13.59 -5.51 -0.90
C GLU B 203 -12.79 -4.23 -0.76
N CYS B 204 -11.53 -4.35 -0.32
CA CYS B 204 -10.70 -3.17 -0.16
C CYS B 204 -9.41 -3.31 -0.94
N ARG B 205 -8.97 -2.21 -1.54
CA ARG B 205 -7.73 -2.19 -2.30
C ARG B 205 -6.89 -0.97 -1.95
N VAL B 206 -5.58 -1.11 -2.08
CA VAL B 206 -4.68 0.00 -1.81
C VAL B 206 -4.28 0.56 -3.17
N SER B 207 -4.28 1.87 -3.31
CA SER B 207 -3.84 2.45 -4.57
C SER B 207 -2.40 1.99 -4.73
N ASP B 208 -2.06 1.46 -5.91
CA ASP B 208 -0.68 0.96 -6.12
C ASP B 208 0.36 2.05 -6.32
N LYS B 209 -0.07 3.31 -6.25
CA LYS B 209 0.83 4.44 -6.46
C LYS B 209 2.03 4.61 -5.52
N VAL B 210 3.18 4.84 -6.13
CA VAL B 210 4.41 5.07 -5.39
C VAL B 210 5.16 6.18 -6.11
N ASN B 211 5.38 7.29 -5.42
CA ASN B 211 6.10 8.41 -5.99
C ASN B 211 7.57 8.18 -5.76
N PHE B 212 8.38 8.48 -6.77
CA PHE B 212 9.83 8.30 -6.67
C PHE B 212 10.58 9.54 -7.14
N LEU B 213 11.05 10.34 -6.19
CA LEU B 213 11.83 11.53 -6.51
C LEU B 213 13.23 10.95 -6.70
N ASP B 214 13.60 10.77 -7.97
CA ASP B 214 14.86 10.18 -8.38
C ASP B 214 16.00 11.16 -8.51
N SER B 215 16.91 11.07 -7.55
CA SER B 215 18.07 11.94 -7.54
C SER B 215 18.92 11.84 -8.81
N ASN B 216 18.73 10.78 -9.62
CA ASN B 216 19.50 10.64 -10.84
C ASN B 216 18.72 10.99 -12.09
N HIS B 218 17.12 13.65 -14.41
CA HIS B 218 17.26 15.09 -14.66
C HIS B 218 16.35 15.46 -15.82
N HIS B 219 15.10 15.72 -15.50
CA HIS B 219 14.10 16.03 -16.50
C HIS B 219 13.09 16.93 -15.81
N ASN B 220 12.28 17.64 -16.59
CA ASN B 220 11.27 18.53 -15.99
C ASN B 220 10.27 17.76 -15.14
N ASP B 221 10.07 16.49 -15.45
CA ASP B 221 9.13 15.70 -14.68
C ASP B 221 9.61 15.56 -13.25
N LYS B 222 10.91 15.37 -13.07
CA LYS B 222 11.43 15.23 -11.72
C LYS B 222 11.21 16.53 -10.98
N ASN B 223 11.45 17.65 -11.66
CA ASN B 223 11.26 18.95 -11.04
C ASN B 223 9.78 19.13 -10.69
N ASP B 224 8.90 18.80 -11.63
CA ASP B 224 7.47 18.93 -11.40
C ASP B 224 6.99 18.08 -10.22
N LEU B 225 7.57 16.91 -10.04
CA LEU B 225 7.19 16.05 -8.94
C LEU B 225 7.54 16.73 -7.62
N TYR B 226 8.76 17.23 -7.51
CA TYR B 226 9.21 17.91 -6.29
C TYR B 226 8.27 19.04 -5.91
N GLN B 227 7.87 19.82 -6.92
CA GLN B 227 6.97 20.95 -6.74
C GLN B 227 5.62 20.45 -6.19
N SER B 228 5.12 19.36 -6.77
CA SER B 228 3.85 18.80 -6.33
C SER B 228 3.98 18.32 -4.90
N LEU B 229 5.07 17.62 -4.61
CA LEU B 229 5.32 17.11 -3.27
C LEU B 229 5.30 18.24 -2.25
N LYS B 230 5.94 19.35 -2.55
CA LYS B 230 5.98 20.47 -1.62
C LYS B 230 4.62 21.18 -1.50
N GLU B 231 3.90 21.29 -2.60
CA GLU B 231 2.60 21.95 -2.55
C GLU B 231 1.61 21.15 -1.72
N GLU B 232 1.93 19.90 -1.43
CA GLU B 232 1.08 19.05 -0.62
C GLU B 232 1.42 19.21 0.85
N GLY B 233 2.55 19.85 1.14
CA GLY B 233 2.95 20.06 2.52
C GLY B 233 3.96 19.05 3.04
N ILE B 234 4.48 18.20 2.16
CA ILE B 234 5.47 17.20 2.57
C ILE B 234 6.73 17.88 3.11
N ALA B 235 7.15 17.49 4.31
CA ALA B 235 8.35 18.05 4.93
C ALA B 235 8.27 19.57 5.12
N GLY B 236 7.13 20.07 5.57
CA GLY B 236 6.97 21.50 5.78
C GLY B 236 7.64 22.00 7.04
N ASP B 237 7.81 23.32 7.14
CA ASP B 237 8.44 23.92 8.32
C ASP B 237 7.54 23.76 9.54
N PRO B 238 8.05 23.18 10.63
CA PRO B 238 7.25 22.98 11.85
C PRO B 238 6.90 24.31 12.53
N GLY B 239 7.67 25.35 12.24
CA GLY B 239 7.41 26.66 12.82
C GLY B 239 7.94 26.81 14.24
N ASP B 240 7.34 27.74 14.97
CA ASP B 240 7.74 28.02 16.35
C ASP B 240 7.76 26.74 17.17
N LYS B 241 8.92 26.43 17.74
CA LYS B 241 9.07 25.23 18.55
C LYS B 241 8.09 25.16 19.72
N GLN B 242 8.02 26.22 20.51
CA GLN B 242 7.13 26.25 21.67
C GLN B 242 5.67 25.98 21.29
N GLN B 243 5.15 26.73 20.32
CA GLN B 243 3.76 26.54 19.89
C GLN B 243 3.50 25.10 19.44
N PHE B 244 4.46 24.53 18.73
CA PHE B 244 4.36 23.16 18.23
C PHE B 244 4.19 22.18 19.38
N VAL B 245 5.14 22.20 20.31
CA VAL B 245 5.09 21.29 21.44
C VAL B 245 3.78 21.44 22.22
N GLU B 246 3.40 22.66 22.54
CA GLU B 246 2.18 22.90 23.27
C GLU B 246 0.96 22.36 22.54
N ARG B 247 0.83 22.73 21.27
CA ARG B 247 -0.29 22.30 20.45
C ARG B 247 -0.43 20.77 20.47
N LEU B 248 0.69 20.07 20.40
CA LEU B 248 0.66 18.62 20.40
C LEU B 248 0.29 18.07 21.78
N ILE B 249 0.84 18.68 22.83
CA ILE B 249 0.56 18.25 24.19
C ILE B 249 -0.93 18.33 24.44
N ALA B 250 -1.56 19.37 23.89
CA ALA B 250 -2.99 19.55 24.05
C ALA B 250 -3.76 18.46 23.33
N ARG B 251 -3.07 17.66 22.52
CA ARG B 251 -3.73 16.60 21.78
C ARG B 251 -3.58 15.22 22.43
N GLY B 252 -2.88 15.18 23.55
CA GLY B 252 -2.71 13.92 24.26
C GLY B 252 -1.29 13.41 24.38
N LEU B 253 -0.34 14.14 23.79
CA LEU B 253 1.05 13.70 23.85
C LEU B 253 1.78 14.33 25.03
N THR B 254 2.89 13.71 25.41
CA THR B 254 3.70 14.22 26.51
C THR B 254 4.67 15.26 25.96
N TYR B 255 5.49 15.83 26.84
CA TYR B 255 6.44 16.83 26.40
C TYR B 255 7.58 16.19 25.63
N ASP B 256 8.01 15.00 26.05
CA ASP B 256 9.11 14.32 25.36
C ASP B 256 8.68 13.86 23.98
N ASN B 257 7.50 13.24 23.89
CA ASN B 257 6.98 12.77 22.63
C ASN B 257 6.81 13.93 21.66
N ALA B 258 6.26 15.03 22.17
CA ALA B 258 6.03 16.22 21.36
C ALA B 258 7.35 16.81 20.87
N LEU B 259 8.36 16.80 21.73
CA LEU B 259 9.67 17.34 21.37
C LEU B 259 10.30 16.49 20.29
N ALA B 260 10.25 15.17 20.49
CA ALA B 260 10.80 14.22 19.54
C ALA B 260 10.11 14.42 18.20
N GLN B 261 8.82 14.76 18.25
CA GLN B 261 8.04 14.99 17.05
C GLN B 261 8.53 16.24 16.35
N TYR B 262 8.77 17.30 17.12
CA TYR B 262 9.23 18.56 16.57
C TYR B 262 10.56 18.37 15.84
N GLU B 263 11.54 17.84 16.56
CA GLU B 263 12.86 17.61 15.98
C GLU B 263 12.79 16.74 14.73
N ALA B 264 11.82 15.83 14.70
CA ALA B 264 11.64 14.94 13.56
C ALA B 264 11.15 15.74 12.35
N GLU B 265 10.10 16.53 12.53
CA GLU B 265 9.57 17.33 11.44
C GLU B 265 10.62 18.35 10.99
N LEU B 266 11.40 18.85 11.94
CA LEU B 266 12.43 19.83 11.65
C LEU B 266 13.48 19.19 10.75
N ARG B 267 13.91 18.00 11.13
CA ARG B 267 14.90 17.24 10.37
C ARG B 267 14.44 17.01 8.92
N PHE B 268 13.18 16.59 8.76
CA PHE B 268 12.64 16.31 7.44
C PHE B 268 12.66 17.59 6.61
N PHE B 269 12.22 18.68 7.22
CA PHE B 269 12.20 19.98 6.55
C PHE B 269 13.59 20.37 6.06
N LYS B 270 14.59 20.11 6.90
CA LYS B 270 15.96 20.45 6.53
C LYS B 270 16.63 19.43 5.62
N ALA B 271 16.11 18.21 5.59
CA ALA B 271 16.70 17.15 4.77
C ALA B 271 16.17 17.03 3.35
N LEU B 272 14.88 17.24 3.14
CA LEU B 272 14.31 17.10 1.80
C LEU B 272 14.54 18.27 0.88
N HIS B 273 15.02 17.99 -0.33
CA HIS B 273 15.21 19.04 -1.33
C HIS B 273 15.19 18.46 -2.73
N LEU B 274 15.16 19.33 -3.72
CA LEU B 274 15.11 18.92 -5.12
C LEU B 274 16.13 17.84 -5.52
N HIS B 275 17.30 17.83 -4.88
CA HIS B 275 18.33 16.86 -5.21
C HIS B 275 18.20 15.52 -4.51
N SER B 276 17.30 15.43 -3.54
CA SER B 276 17.10 14.21 -2.76
C SER B 276 16.48 13.03 -3.53
N SER B 277 16.55 11.88 -2.89
CA SER B 277 15.94 10.66 -3.43
C SER B 277 14.88 10.27 -2.39
N LEU B 278 13.61 10.37 -2.77
CA LEU B 278 12.50 10.06 -1.87
C LEU B 278 11.52 9.10 -2.51
N VAL B 279 11.08 8.12 -1.73
CA VAL B 279 10.10 7.17 -2.23
C VAL B 279 8.93 7.28 -1.26
N TYR B 280 7.76 7.61 -1.78
CA TYR B 280 6.57 7.81 -0.97
C TYR B 280 5.35 7.08 -1.56
N ALA B 281 4.69 6.28 -0.74
CA ALA B 281 3.50 5.56 -1.19
C ALA B 281 2.30 5.99 -0.34
N PRO B 282 1.54 7.00 -0.82
CA PRO B 282 0.38 7.49 -0.08
C PRO B 282 -0.47 6.41 0.60
N ASN B 283 -0.53 5.23 0.01
CA ASN B 283 -1.28 4.14 0.62
C ASN B 283 -2.75 4.45 0.82
N LYS B 285 -6.61 4.15 0.69
CA LYS B 285 -7.44 2.95 0.79
C LYS B 285 -8.77 3.07 0.09
N ILE B 286 -8.99 2.15 -0.85
CA ILE B 286 -10.22 2.17 -1.65
C ILE B 286 -11.14 1.00 -1.27
N THR B 287 -12.23 1.32 -0.58
CA THR B 287 -13.17 0.29 -0.16
C THR B 287 -14.48 0.41 -0.90
N PHE B 288 -15.03 -0.72 -1.30
CA PHE B 288 -16.29 -0.74 -2.02
C PHE B 288 -17.11 -2.02 -1.79
N GLY B 289 -18.40 -1.91 -2.07
CA GLY B 289 -19.31 -3.04 -1.91
C GLY B 289 -20.57 -2.85 -2.73
N GLU B 290 -21.48 -3.83 -2.68
CA GLU B 290 -22.73 -3.72 -3.43
C GLU B 290 -23.92 -3.71 -2.47
N ILE B 291 -24.95 -2.96 -2.85
CA ILE B 291 -26.16 -2.84 -2.05
C ILE B 291 -27.10 -3.98 -2.39
N GLU B 292 -27.36 -4.85 -1.42
CA GLU B 292 -28.22 -6.02 -1.61
C GLU B 292 -29.49 -5.74 -2.42
N CYS B 293 -29.58 -6.41 -3.57
CA CYS B 293 -30.71 -6.26 -4.49
C CYS B 293 -31.88 -7.20 -4.20
#